data_2BDA
#
_entry.id   2BDA
#
_cell.length_a   50.507
_cell.length_b   57.665
_cell.length_c   73.872
_cell.angle_alpha   90.00
_cell.angle_beta   90.00
_cell.angle_gamma   90.00
#
_symmetry.space_group_name_H-M   'P 21 21 21'
#
loop_
_entity.id
_entity.type
_entity.pdbx_description
1 polymer NPI
2 polymer 'Chymotrypsin-like elastase family member 1'
3 non-polymer 'CALCIUM ION'
4 non-polymer 'SULFATE ION'
5 water water
#
loop_
_entity_poly.entity_id
_entity_poly.type
_entity_poly.pdbx_seq_one_letter_code
_entity_poly.pdbx_strand_id
1 'polypeptide(L)' NPIAA P
2 'polypeptide(L)'
;VVGGTEAQRNSWPSQISLQYRSGSSWAHTCGGTLIRQNWVMTAAHCVDRELTFRVVVGEHNLNQNNGTEQYVGVQKIVVH
PYWNTDDVAAGYDIALLRLAQSVTLNSYVQLGVLPRAGTILANNSPCYITGWGLTRTNGQLAQTLQQAYLPTVDYAICSS
SSYWGSTVKNSMVCAGGDGVRSGCQGDSGGPLHCLVNGQYAVHGVTSFVSRLGCNVTRKPTVFTRVSAYISWINNVIASN
;
A
#
loop_
_chem_comp.id
_chem_comp.type
_chem_comp.name
_chem_comp.formula
CA non-polymer 'CALCIUM ION' 'Ca 2'
SO4 non-polymer 'SULFATE ION' 'O4 S -2'
#
# COMPACT_ATOMS: atom_id res chain seq x y z
N ILE A 3 -4.67 -8.61 1.24
CA ILE A 3 -4.79 -8.19 -0.15
C ILE A 3 -3.53 -7.59 -0.86
N ALA A 4 -2.87 -8.56 -1.77
CA ALA A 4 -1.94 -9.58 -1.27
C ALA A 4 -1.26 -10.35 -2.41
N ALA A 5 -1.58 -10.00 -3.66
N VAL B 1 -7.89 -2.47 -7.15
CA VAL B 1 -8.84 -1.41 -6.73
C VAL B 1 -10.17 -1.60 -7.47
N VAL B 2 -11.23 -1.82 -6.71
CA VAL B 2 -12.58 -2.01 -7.25
C VAL B 2 -13.18 -0.58 -7.28
N GLY B 3 -13.89 -0.24 -8.36
CA GLY B 3 -14.54 1.05 -8.44
C GLY B 3 -13.59 2.22 -8.57
N GLY B 4 -12.41 1.95 -9.14
CA GLY B 4 -11.40 2.98 -9.33
C GLY B 4 -11.52 3.61 -10.72
N THR B 5 -10.58 4.53 -11.02
CA THR B 5 -10.44 5.15 -12.32
C THR B 5 -8.98 5.11 -12.66
N GLU B 6 -8.64 5.20 -13.93
CA GLU B 6 -7.21 5.18 -14.26
C GLU B 6 -6.47 6.44 -13.74
N ALA B 7 -5.41 6.21 -12.99
CA ALA B 7 -4.55 7.31 -12.55
C ALA B 7 -3.80 7.97 -13.77
N GLN B 8 -3.62 9.28 -13.68
CA GLN B 8 -2.72 9.95 -14.58
C GLN B 8 -1.28 9.46 -14.28
N ARG B 9 -0.50 9.31 -15.34
CA ARG B 9 0.91 8.88 -15.34
C ARG B 9 1.85 9.47 -14.27
N ASN B 10 1.66 10.76 -13.97
CA ASN B 10 2.52 11.44 -12.99
C ASN B 10 1.86 11.84 -11.68
N SER B 11 0.69 11.25 -11.38
CA SER B 11 -0.02 11.62 -10.15
C SER B 11 0.60 11.10 -8.89
N TRP B 12 1.05 9.84 -8.92
CA TRP B 12 1.43 9.14 -7.69
C TRP B 12 2.85 8.53 -7.87
N PRO B 13 3.88 9.40 -8.01
CA PRO B 13 5.24 8.93 -8.43
C PRO B 13 6.02 8.11 -7.38
N SER B 14 5.51 8.08 -6.15
CA SER B 14 6.00 7.16 -5.09
C SER B 14 5.41 5.74 -5.16
N GLN B 15 4.39 5.51 -5.95
CA GLN B 15 3.82 4.18 -6.07
C GLN B 15 4.83 3.26 -6.77
N ILE B 16 5.04 2.06 -6.22
CA ILE B 16 5.86 1.04 -6.90
C ILE B 16 5.07 -0.22 -7.09
N SER B 17 5.52 -1.07 -8.05
CA SER B 17 5.03 -2.41 -8.19
C SER B 17 6.07 -3.40 -7.70
N LEU B 18 5.65 -4.25 -6.74
CA LEU B 18 6.53 -5.27 -6.17
C LEU B 18 6.14 -6.54 -6.90
N GLN B 19 7.12 -7.17 -7.53
CA GLN B 19 6.88 -8.30 -8.40
C GLN B 19 7.72 -9.47 -7.97
N TYR B 20 7.27 -10.67 -8.33
CA TYR B 20 8.11 -11.86 -8.11
C TYR B 20 8.36 -12.61 -9.37
N ARG B 21 9.47 -13.40 -9.39
CA ARG B 21 9.88 -14.07 -10.61
C ARG B 21 9.11 -15.37 -10.60
N SER B 22 8.52 -15.70 -11.75
CA SER B 22 7.74 -16.91 -11.90
C SER B 22 8.20 -17.38 -13.26
N GLY B 23 8.94 -18.48 -13.26
CA GLY B 23 9.59 -19.00 -14.45
C GLY B 23 10.60 -18.04 -15.01
N SER B 24 10.35 -17.63 -16.25
CA SER B 24 11.17 -16.68 -16.97
C SER B 24 10.51 -15.31 -16.99
N SER B 25 9.41 -15.16 -16.25
CA SER B 25 8.72 -13.87 -16.24
C SER B 25 8.59 -13.32 -14.83
N TRP B 26 7.94 -12.18 -14.73
CA TRP B 26 7.79 -11.50 -13.47
C TRP B 26 6.30 -11.24 -13.31
N ALA B 27 5.78 -11.35 -12.09
CA ALA B 27 4.35 -11.13 -11.86
C ALA B 27 4.19 -10.11 -10.76
N HIS B 28 3.36 -9.10 -10.99
CA HIS B 28 3.00 -8.15 -9.94
C HIS B 28 2.27 -8.89 -8.83
N THR B 29 2.68 -8.65 -7.58
CA THR B 29 1.98 -9.22 -6.43
C THR B 29 1.42 -8.17 -5.42
N CYS B 30 2.14 -7.06 -5.29
CA CYS B 30 1.77 -6.05 -4.29
C CYS B 30 2.25 -4.69 -4.74
N GLY B 31 1.76 -3.68 -4.03
CA GLY B 31 2.21 -2.28 -4.16
C GLY B 31 3.23 -1.97 -3.08
N GLY B 32 3.78 -0.76 -3.15
CA GLY B 32 4.59 -0.20 -2.06
C GLY B 32 4.80 1.29 -2.32
N THR B 33 5.53 1.95 -1.42
CA THR B 33 5.80 3.37 -1.52
C THR B 33 7.31 3.56 -1.46
N LEU B 34 7.86 4.24 -2.47
CA LEU B 34 9.27 4.55 -2.46
C LEU B 34 9.45 5.63 -1.40
N ILE B 35 10.27 5.37 -0.39
CA ILE B 35 10.50 6.35 0.68
C ILE B 35 11.91 6.95 0.77
N ARG B 36 12.91 6.24 0.23
CA ARG B 36 14.28 6.75 -0.01
C ARG B 36 14.69 6.21 -1.42
N GLN B 37 15.77 6.74 -2.00
CA GLN B 37 16.18 6.28 -3.34
C GLN B 37 16.40 4.79 -3.36
N ASN B 38 16.68 4.24 -2.16
CA ASN B 38 17.03 2.84 -2.04
C ASN B 38 16.24 2.09 -0.99
N TRP B 39 15.10 2.64 -0.59
CA TRP B 39 14.18 1.94 0.32
C TRP B 39 12.72 2.05 -0.14
N VAL B 40 12.00 0.94 -0.02
CA VAL B 40 10.55 0.86 -0.28
C VAL B 40 9.81 0.40 0.99
N MET B 41 8.67 1.04 1.30
CA MET B 41 7.82 0.61 2.38
C MET B 41 6.68 -0.21 1.75
N THR B 42 6.46 -1.40 2.26
CA THR B 42 5.34 -2.22 1.80
C THR B 42 4.69 -2.97 2.97
N ALA B 43 3.81 -3.95 2.68
CA ALA B 43 3.22 -4.73 3.76
C ALA B 43 4.06 -5.98 4.05
N ALA B 44 4.17 -6.34 5.33
CA ALA B 44 4.87 -7.52 5.68
C ALA B 44 4.25 -8.75 5.01
N HIS B 45 2.91 -8.77 4.85
CA HIS B 45 2.33 -10.02 4.32
C HIS B 45 2.73 -10.18 2.86
N CYS B 46 3.21 -9.12 2.22
CA CYS B 46 3.60 -9.21 0.80
C CYS B 46 4.90 -10.00 0.61
N VAL B 47 5.67 -10.12 1.69
CA VAL B 47 7.00 -10.72 1.57
C VAL B 47 7.13 -11.88 2.57
N ASP B 48 5.99 -12.47 2.91
CA ASP B 48 5.95 -13.72 3.71
C ASP B 48 6.52 -14.90 2.93
N ARG B 49 6.30 -14.97 1.60
CA ARG B 49 6.80 -16.13 0.85
C ARG B 49 8.29 -15.95 0.44
N GLU B 50 8.98 -17.06 0.29
CA GLU B 50 10.41 -17.12 0.02
C GLU B 50 10.66 -16.94 -1.48
N LEU B 51 10.28 -15.79 -2.02
CA LEU B 51 10.28 -15.59 -3.48
C LEU B 51 11.39 -14.67 -3.90
N THR B 52 11.72 -14.66 -5.18
CA THR B 52 12.64 -13.64 -5.66
C THR B 52 11.85 -12.40 -6.08
N PHE B 53 12.14 -11.27 -5.46
CA PHE B 53 11.31 -10.08 -5.69
C PHE B 53 12.10 -9.00 -6.42
N ARG B 54 11.42 -8.21 -7.23
CA ARG B 54 12.00 -6.95 -7.74
C ARG B 54 10.99 -5.86 -7.54
N VAL B 55 11.48 -4.63 -7.62
CA VAL B 55 10.64 -3.47 -7.49
C VAL B 55 10.70 -2.79 -8.84
N VAL B 56 9.55 -2.34 -9.31
CA VAL B 56 9.49 -1.45 -10.47
C VAL B 56 9.01 -0.06 -10.09
N VAL B 57 9.86 0.95 -10.34
CA VAL B 57 9.48 2.37 -10.17
C VAL B 57 9.17 2.96 -11.52
N GLY B 58 8.37 4.02 -11.52
CA GLY B 58 8.03 4.71 -12.76
C GLY B 58 7.15 3.83 -13.62
N GLU B 59 6.39 2.94 -12.97
CA GLU B 59 5.54 1.99 -13.70
C GLU B 59 4.15 2.60 -13.86
N HIS B 60 3.55 2.40 -15.05
CA HIS B 60 2.13 2.75 -15.24
C HIS B 60 1.27 1.58 -15.76
N ASN B 61 1.72 0.94 -16.82
CA ASN B 61 0.99 -0.18 -17.40
C ASN B 61 1.83 -1.42 -17.23
N LEU B 62 1.28 -2.39 -16.51
CA LEU B 62 2.07 -3.60 -16.21
C LEU B 62 2.38 -4.42 -17.45
N ASN B 63 1.58 -4.25 -18.48
CA ASN B 63 1.71 -5.12 -19.66
C ASN B 63 2.32 -4.46 -20.89
N GLN B 64 2.74 -3.20 -20.75
CA GLN B 64 3.35 -2.56 -21.89
C GLN B 64 4.41 -1.53 -21.50
N ASN B 65 5.26 -1.18 -22.44
CA ASN B 65 6.42 -0.35 -22.16
C ASN B 65 5.99 1.10 -22.06
N ASN B 66 6.24 1.73 -20.93
CA ASN B 66 5.88 3.12 -20.68
C ASN B 66 6.99 4.12 -21.03
N GLY B 67 8.22 3.62 -21.18
CA GLY B 67 9.38 4.47 -21.42
C GLY B 67 9.84 5.15 -20.16
N THR B 68 9.37 4.70 -19.00
CA THR B 68 9.67 5.41 -17.74
C THR B 68 10.11 4.52 -16.57
N GLU B 69 10.09 3.21 -16.77
CA GLU B 69 10.28 2.22 -15.67
C GLU B 69 11.76 2.10 -15.33
N GLN B 70 12.06 1.84 -14.06
CA GLN B 70 13.41 1.38 -13.66
C GLN B 70 13.18 0.12 -12.85
N TYR B 71 14.00 -0.90 -13.08
CA TYR B 71 13.75 -2.22 -12.46
C TYR B 71 14.88 -2.50 -11.52
N VAL B 72 14.60 -2.90 -10.28
CA VAL B 72 15.70 -3.02 -9.32
C VAL B 72 15.46 -4.18 -8.38
N GLY B 73 16.52 -4.90 -8.04
CA GLY B 73 16.38 -6.08 -7.21
C GLY B 73 16.22 -5.66 -5.76
N VAL B 74 15.80 -6.60 -4.93
CA VAL B 74 15.66 -6.34 -3.51
C VAL B 74 16.86 -6.91 -2.77
N GLN B 75 17.57 -6.05 -2.07
CA GLN B 75 18.79 -6.51 -1.43
C GLN B 75 18.50 -7.04 -0.03
N LYS B 76 17.56 -6.41 0.71
CA LYS B 76 17.30 -6.81 2.09
C LYS B 76 15.84 -6.58 2.45
N ILE B 77 15.23 -7.54 3.16
CA ILE B 77 13.83 -7.42 3.53
C ILE B 77 13.79 -7.34 5.06
N VAL B 78 13.39 -6.18 5.56
CA VAL B 78 13.22 -6.01 7.00
C VAL B 78 11.75 -5.94 7.36
N VAL B 79 11.26 -7.03 7.92
CA VAL B 79 9.86 -7.09 8.34
C VAL B 79 9.70 -6.56 9.79
N HIS B 80 8.58 -5.94 10.10
CA HIS B 80 8.41 -5.59 11.50
C HIS B 80 8.53 -6.85 12.40
N PRO B 81 9.41 -6.81 13.42
CA PRO B 81 9.62 -8.05 14.23
C PRO B 81 8.41 -8.55 15.01
N TYR B 82 7.37 -7.74 15.20
CA TYR B 82 6.16 -8.28 15.83
C TYR B 82 5.14 -8.83 14.83
N TRP B 83 5.43 -8.74 13.53
CA TRP B 83 4.52 -9.26 12.50
C TRP B 83 4.33 -10.77 12.70
N ASN B 84 3.06 -11.20 12.64
CA ASN B 84 2.64 -12.64 12.66
C ASN B 84 1.69 -12.91 11.48
N THR B 85 2.10 -13.71 10.51
CA THR B 85 1.25 -14.00 9.33
C THR B 85 -0.14 -14.62 9.63
N ASP B 86 -0.24 -15.38 10.71
CA ASP B 86 -1.47 -16.05 11.13
C ASP B 86 -2.46 -15.10 11.83
N ASP B 87 -2.07 -13.82 11.95
CA ASP B 87 -2.86 -12.84 12.72
C ASP B 87 -2.74 -11.44 12.07
N VAL B 88 -3.29 -11.25 10.86
CA VAL B 88 -3.16 -9.91 10.24
C VAL B 88 -3.86 -8.84 11.12
N ALA B 89 -4.89 -9.28 11.85
CA ALA B 89 -5.66 -8.39 12.71
C ALA B 89 -4.85 -7.89 13.90
N ALA B 90 -3.74 -8.56 14.23
CA ALA B 90 -2.83 -8.03 15.30
C ALA B 90 -2.07 -6.77 14.91
N GLY B 91 -2.01 -6.49 13.59
CA GLY B 91 -1.26 -5.35 13.05
C GLY B 91 0.20 -5.71 12.75
N TYR B 92 1.04 -4.67 12.76
CA TYR B 92 2.46 -4.75 12.44
C TYR B 92 2.65 -5.18 10.98
N ASP B 93 1.66 -4.95 10.11
CA ASP B 93 1.79 -5.40 8.71
C ASP B 93 2.60 -4.37 7.90
N ILE B 94 3.92 -4.39 8.09
CA ILE B 94 4.73 -3.39 7.43
C ILE B 94 6.10 -3.98 7.29
N ALA B 95 6.71 -3.60 6.18
CA ALA B 95 8.08 -4.09 5.92
C ALA B 95 8.81 -3.06 5.11
N LEU B 96 10.14 -3.02 5.28
CA LEU B 96 10.94 -2.15 4.48
C LEU B 96 11.89 -2.99 3.60
N LEU B 97 11.98 -2.61 2.33
CA LEU B 97 12.86 -3.29 1.38
C LEU B 97 14.02 -2.37 1.05
N ARG B 98 15.25 -2.81 1.29
CA ARG B 98 16.43 -2.09 0.76
C ARG B 98 16.73 -2.52 -0.69
N LEU B 99 16.79 -1.57 -1.62
CA LEU B 99 16.94 -1.92 -3.03
C LEU B 99 18.43 -2.16 -3.36
N ALA B 100 18.71 -2.96 -4.38
CA ALA B 100 20.12 -3.28 -4.69
C ALA B 100 20.84 -2.08 -5.32
N GLN B 101 20.08 -1.17 -5.92
CA GLN B 101 20.58 0.06 -6.53
C GLN B 101 19.69 1.18 -6.08
N SER B 102 20.24 2.40 -5.95
CA SER B 102 19.41 3.60 -5.79
C SER B 102 18.73 3.97 -7.11
N VAL B 103 17.44 4.22 -7.10
CA VAL B 103 16.74 4.67 -8.30
C VAL B 103 16.94 6.18 -8.54
N THR B 104 16.75 6.59 -9.79
CA THR B 104 16.89 7.97 -10.19
C THR B 104 15.54 8.66 -10.07
N LEU B 105 15.51 9.84 -9.45
CA LEU B 105 14.24 10.54 -9.29
C LEU B 105 13.91 11.43 -10.49
N ASN B 106 12.62 11.51 -10.85
CA ASN B 106 12.13 12.36 -11.95
C ASN B 106 10.63 12.57 -11.78
N SER B 107 9.93 13.09 -12.80
CA SER B 107 8.44 13.21 -12.73
C SER B 107 7.70 11.95 -12.29
N TYR B 108 8.24 10.79 -12.68
CA TYR B 108 7.56 9.52 -12.48
C TYR B 108 8.04 8.73 -11.27
N VAL B 109 9.14 9.20 -10.66
CA VAL B 109 9.76 8.51 -9.53
C VAL B 109 10.12 9.54 -8.49
N GLN B 110 9.36 9.58 -7.41
CA GLN B 110 9.59 10.54 -6.30
C GLN B 110 9.45 9.83 -4.96
N LEU B 111 10.09 10.36 -3.90
CA LEU B 111 9.91 9.79 -2.56
C LEU B 111 8.48 10.11 -2.05
N GLY B 112 7.85 9.17 -1.37
CA GLY B 112 6.52 9.45 -0.83
C GLY B 112 6.68 10.34 0.38
N VAL B 113 5.78 11.32 0.54
CA VAL B 113 5.72 12.11 1.76
C VAL B 113 5.06 11.33 2.89
N LEU B 114 5.67 11.29 4.08
CA LEU B 114 5.08 10.53 5.19
C LEU B 114 4.57 11.50 6.26
N PRO B 115 3.48 11.14 6.98
CA PRO B 115 2.90 12.00 8.03
C PRO B 115 3.84 12.13 9.19
N ARG B 116 3.70 13.19 9.99
CA ARG B 116 4.41 13.31 11.25
C ARG B 116 3.95 12.19 12.19
N ALA B 117 4.83 11.75 13.08
CA ALA B 117 4.51 10.64 14.00
C ALA B 117 3.24 10.98 14.83
N GLY B 118 2.35 10.00 15.04
CA GLY B 118 1.15 10.18 15.88
C GLY B 118 -0.05 10.81 15.17
N THR B 119 0.14 11.32 13.95
CA THR B 119 -0.96 12.04 13.24
C THR B 119 -2.14 11.14 12.98
N ILE B 120 -3.34 11.60 13.34
CA ILE B 120 -4.54 10.84 13.03
C ILE B 120 -5.47 11.73 12.22
N LEU B 121 -6.08 11.19 11.16
CA LEU B 121 -7.01 11.95 10.32
C LEU B 121 -8.41 12.07 10.90
N ALA B 122 -9.06 13.22 10.75
CA ALA B 122 -10.48 13.32 11.16
C ALA B 122 -11.33 12.32 10.33
N ASN B 123 -12.50 11.94 10.83
CA ASN B 123 -13.41 11.01 10.15
C ASN B 123 -13.72 11.64 8.80
N ASN B 124 -13.96 10.79 7.78
CA ASN B 124 -14.27 11.29 6.45
C ASN B 124 -13.18 12.20 5.87
N SER B 125 -11.90 12.01 6.23
CA SER B 125 -10.81 12.76 5.55
C SER B 125 -10.59 12.23 4.13
N PRO B 126 -10.34 13.15 3.18
CA PRO B 126 -10.19 12.74 1.77
C PRO B 126 -8.87 12.01 1.48
N CYS B 127 -8.95 10.79 0.92
CA CYS B 127 -7.81 9.97 0.59
C CYS B 127 -8.08 9.26 -0.70
N TYR B 128 -7.03 8.87 -1.40
CA TYR B 128 -7.14 7.98 -2.57
C TYR B 128 -6.30 6.76 -2.30
N ILE B 129 -6.87 5.59 -2.54
CA ILE B 129 -6.04 4.37 -2.62
C ILE B 129 -5.55 4.20 -4.06
N THR B 130 -4.32 3.70 -4.24
CA THR B 130 -3.83 3.48 -5.63
C THR B 130 -3.24 2.05 -5.75
N GLY B 131 -3.29 1.47 -6.94
CA GLY B 131 -2.70 0.17 -7.15
C GLY B 131 -3.12 -0.52 -8.43
N TRP B 132 -2.52 -1.67 -8.67
CA TRP B 132 -2.86 -2.50 -9.81
C TRP B 132 -3.66 -3.72 -9.38
N GLY B 133 -4.23 -3.66 -8.19
CA GLY B 133 -4.96 -4.80 -7.61
C GLY B 133 -6.23 -5.18 -8.35
N LEU B 134 -6.86 -6.29 -7.93
CA LEU B 134 -8.05 -6.77 -8.69
C LEU B 134 -9.07 -5.65 -8.77
N THR B 135 -9.77 -5.62 -9.92
CA THR B 135 -10.76 -4.56 -10.18
C THR B 135 -12.16 -4.97 -9.73
N ARG B 136 -12.26 -6.24 -9.32
CA ARG B 136 -13.49 -6.78 -8.73
C ARG B 136 -13.07 -7.86 -7.75
N THR B 137 -13.91 -8.11 -6.75
CA THR B 137 -13.68 -9.26 -5.88
C THR B 137 -13.51 -10.50 -6.75
N ASN B 138 -12.50 -11.32 -6.43
CA ASN B 138 -12.18 -12.50 -7.30
C ASN B 138 -12.05 -12.17 -8.79
N GLY B 139 -11.61 -10.95 -9.10
CA GLY B 139 -11.47 -10.51 -10.51
C GLY B 139 -10.01 -10.61 -10.95
N GLN B 140 -9.57 -9.64 -11.75
CA GLN B 140 -8.19 -9.68 -12.21
C GLN B 140 -7.51 -8.33 -12.01
N LEU B 141 -6.19 -8.37 -12.04
CA LEU B 141 -5.36 -7.16 -11.79
C LEU B 141 -5.65 -6.18 -12.89
N ALA B 142 -5.48 -4.92 -12.58
CA ALA B 142 -5.60 -3.84 -13.55
C ALA B 142 -4.31 -3.84 -14.36
N GLN B 143 -4.41 -3.51 -15.64
CA GLN B 143 -3.18 -3.28 -16.40
C GLN B 143 -2.62 -1.93 -16.10
N THR B 144 -3.48 -0.92 -15.99
CA THR B 144 -3.00 0.42 -15.71
C THR B 144 -3.32 0.81 -14.23
N LEU B 145 -2.44 1.63 -13.64
CA LEU B 145 -2.61 2.09 -12.26
C LEU B 145 -3.99 2.67 -12.06
N GLN B 146 -4.68 2.20 -11.02
CA GLN B 146 -6.00 2.72 -10.67
C GLN B 146 -5.93 3.54 -9.39
N GLN B 147 -6.87 4.47 -9.24
CA GLN B 147 -7.03 5.20 -7.98
C GLN B 147 -8.52 5.16 -7.64
N ALA B 148 -8.86 5.18 -6.34
CA ALA B 148 -10.26 5.27 -5.88
C ALA B 148 -10.32 6.20 -4.66
N TYR B 149 -11.31 7.08 -4.68
CA TYR B 149 -11.52 8.03 -3.59
C TYR B 149 -12.10 7.20 -2.41
N LEU B 150 -11.35 7.17 -1.29
CA LEU B 150 -11.74 6.38 -0.11
C LEU B 150 -11.59 7.24 1.13
N PRO B 151 -12.67 7.96 1.54
CA PRO B 151 -12.54 8.82 2.73
C PRO B 151 -12.32 7.96 3.97
N THR B 152 -11.50 8.42 4.91
CA THR B 152 -11.31 7.61 6.13
C THR B 152 -12.61 7.40 6.96
N VAL B 153 -12.54 6.36 7.81
CA VAL B 153 -13.56 6.05 8.79
C VAL B 153 -12.81 5.99 10.11
N ASP B 154 -13.13 6.89 11.04
CA ASP B 154 -12.34 6.98 12.26
C ASP B 154 -12.40 5.71 13.11
N TYR B 155 -11.47 5.58 14.03
CA TYR B 155 -11.34 4.36 14.79
C TYR B 155 -12.60 4.04 15.60
N ALA B 156 -13.20 5.06 16.20
CA ALA B 156 -14.39 4.86 17.00
C ALA B 156 -15.48 4.19 16.18
N ILE B 157 -15.59 4.58 14.90
CA ILE B 157 -16.65 4.05 14.04
C ILE B 157 -16.15 2.74 13.49
N CYS B 158 -14.92 2.72 13.00
CA CYS B 158 -14.40 1.54 12.33
C CYS B 158 -14.35 0.35 13.28
N SER B 159 -13.96 0.60 14.54
CA SER B 159 -13.93 -0.49 15.51
C SER B 159 -15.27 -0.78 16.23
N SER B 160 -16.36 -0.16 15.80
CA SER B 160 -17.74 -0.52 16.29
C SER B 160 -18.21 -1.85 15.71
N SER B 161 -19.27 -2.42 16.30
CA SER B 161 -19.75 -3.76 15.94
C SER B 161 -20.26 -3.97 14.51
N SER B 162 -20.90 -2.97 13.92
CA SER B 162 -21.43 -3.15 12.55
C SER B 162 -20.35 -2.91 11.48
N TYR B 163 -19.21 -2.36 11.90
CA TYR B 163 -17.98 -2.24 11.02
C TYR B 163 -17.01 -3.37 11.26
N TRP B 164 -15.81 -3.09 11.78
CA TRP B 164 -14.87 -4.18 11.95
C TRP B 164 -14.73 -4.66 13.38
N GLY B 165 -15.45 -4.05 14.32
CA GLY B 165 -15.33 -4.45 15.74
C GLY B 165 -13.88 -4.41 16.21
N SER B 166 -13.52 -5.37 17.05
CA SER B 166 -12.18 -5.51 17.62
C SER B 166 -11.11 -6.01 16.62
N THR B 167 -11.53 -6.35 15.40
CA THR B 167 -10.56 -6.73 14.36
C THR B 167 -9.61 -5.58 14.03
N VAL B 168 -10.13 -4.36 14.08
CA VAL B 168 -9.35 -3.17 13.80
C VAL B 168 -8.69 -2.65 15.08
N LYS B 169 -7.40 -2.25 15.00
CA LYS B 169 -6.62 -1.73 16.12
C LYS B 169 -6.34 -0.22 15.89
N ASN B 170 -5.90 0.48 16.91
CA ASN B 170 -5.58 1.89 16.71
C ASN B 170 -4.32 2.14 15.87
N SER B 171 -3.58 1.07 15.58
CA SER B 171 -2.38 1.15 14.72
C SER B 171 -2.75 1.02 13.25
N MET B 172 -4.05 1.05 12.94
CA MET B 172 -4.57 0.95 11.58
C MET B 172 -5.39 2.14 11.20
N VAL B 173 -5.52 2.37 9.90
CA VAL B 173 -6.39 3.41 9.32
C VAL B 173 -7.44 2.65 8.51
N CYS B 174 -8.71 2.99 8.67
CA CYS B 174 -9.76 2.41 7.83
C CYS B 174 -10.20 3.45 6.78
N ALA B 175 -10.55 3.02 5.56
CA ALA B 175 -11.05 3.99 4.59
C ALA B 175 -12.01 3.31 3.63
N GLY B 176 -13.04 4.07 3.25
CA GLY B 176 -14.05 3.62 2.29
C GLY B 176 -15.16 2.90 2.99
N GLY B 177 -15.46 1.66 2.55
CA GLY B 177 -16.63 0.91 3.09
C GLY B 177 -17.99 1.27 2.54
N ASP B 178 -18.00 1.90 1.35
CA ASP B 178 -19.24 2.30 0.71
C ASP B 178 -19.90 1.16 -0.12
N GLY B 179 -19.29 -0.03 -0.13
CA GLY B 179 -19.78 -1.15 -0.92
C GLY B 179 -19.53 -1.13 -2.43
N VAL B 180 -18.85 -0.09 -2.90
CA VAL B 180 -18.58 0.13 -4.35
C VAL B 180 -17.06 0.23 -4.63
N ARG B 181 -16.35 1.02 -3.82
CA ARG B 181 -14.91 1.26 -4.02
C ARG B 181 -14.14 0.65 -2.87
N SER B 182 -12.97 0.08 -3.12
CA SER B 182 -12.17 -0.55 -2.06
C SER B 182 -10.83 -0.91 -2.65
N GLY B 183 -9.87 -1.21 -1.78
CA GLY B 183 -8.73 -1.97 -2.24
C GLY B 183 -9.10 -3.41 -2.49
N CYS B 184 -8.21 -4.19 -3.09
CA CYS B 184 -8.50 -5.58 -3.40
C CYS B 184 -7.15 -6.29 -3.58
N GLN B 185 -7.14 -7.61 -3.72
CA GLN B 185 -5.84 -8.33 -3.74
C GLN B 185 -4.93 -7.76 -4.80
N GLY B 186 -3.65 -7.59 -4.46
CA GLY B 186 -2.67 -7.04 -5.39
C GLY B 186 -2.42 -5.54 -5.13
N ASP B 187 -3.32 -4.92 -4.38
CA ASP B 187 -3.11 -3.53 -3.85
C ASP B 187 -2.33 -3.54 -2.56
N SER B 188 -2.33 -4.68 -1.84
CA SER B 188 -1.67 -4.83 -0.56
C SER B 188 -0.29 -4.20 -0.61
N GLY B 189 0.14 -3.54 0.47
CA GLY B 189 1.49 -2.98 0.48
C GLY B 189 1.54 -1.58 -0.10
N GLY B 190 0.54 -1.20 -0.93
CA GLY B 190 0.61 0.10 -1.54
C GLY B 190 0.09 1.23 -0.64
N PRO B 191 0.15 2.47 -1.13
CA PRO B 191 -0.18 3.67 -0.35
C PRO B 191 -1.71 3.98 -0.28
N LEU B 192 -2.09 4.61 0.82
CA LEU B 192 -3.32 5.38 0.90
C LEU B 192 -2.80 6.82 1.03
N HIS B 193 -3.14 7.64 0.04
CA HIS B 193 -2.65 9.02 -0.02
C HIS B 193 -3.75 9.91 0.52
N CYS B 194 -3.46 10.67 1.56
CA CYS B 194 -4.49 11.54 2.15
C CYS B 194 -4.07 12.99 2.17
N LEU B 195 -5.05 13.86 1.94
CA LEU B 195 -4.80 15.30 1.80
C LEU B 195 -4.86 15.99 3.14
N VAL B 196 -3.75 16.59 3.56
CA VAL B 196 -3.72 17.29 4.85
C VAL B 196 -2.93 18.59 4.66
N ASN B 197 -3.52 19.74 5.02
CA ASN B 197 -2.84 21.05 4.80
C ASN B 197 -2.26 21.21 3.40
N GLY B 198 -3.05 20.85 2.39
CA GLY B 198 -2.68 21.11 1.00
C GLY B 198 -1.80 20.07 0.36
N GLN B 199 -1.29 19.12 1.16
CA GLN B 199 -0.28 18.15 0.73
C GLN B 199 -0.76 16.71 0.89
N TYR B 200 -0.67 15.91 -0.17
CA TYR B 200 -0.90 14.48 -0.04
C TYR B 200 0.28 13.83 0.69
N ALA B 201 -0.04 12.98 1.67
CA ALA B 201 0.96 12.21 2.34
C ALA B 201 0.48 10.76 2.40
N VAL B 202 1.41 9.82 2.51
CA VAL B 202 1.06 8.38 2.50
C VAL B 202 0.77 8.03 3.95
N HIS B 203 -0.54 8.01 4.27
CA HIS B 203 -0.99 7.69 5.63
C HIS B 203 -1.21 6.21 5.91
N GLY B 204 -1.27 5.41 4.85
CA GLY B 204 -1.62 4.00 5.00
C GLY B 204 -0.81 3.10 4.13
N VAL B 205 -0.57 1.90 4.62
CA VAL B 205 -0.04 0.82 3.81
C VAL B 205 -1.14 -0.26 3.71
N THR B 206 -1.62 -0.53 2.50
CA THR B 206 -2.78 -1.43 2.37
C THR B 206 -2.55 -2.80 3.01
N SER B 207 -3.46 -3.21 3.91
CA SER B 207 -3.23 -4.46 4.67
C SER B 207 -4.26 -5.54 4.40
N PHE B 208 -5.55 -5.25 4.60
CA PHE B 208 -6.58 -6.28 4.38
C PHE B 208 -7.96 -5.75 4.12
N VAL B 209 -8.78 -6.62 3.56
CA VAL B 209 -10.21 -6.38 3.37
C VAL B 209 -10.97 -7.59 3.92
N SER B 210 -12.31 -7.55 3.88
CA SER B 210 -13.14 -8.65 4.38
C SER B 210 -12.87 -9.98 3.65
N ARG B 211 -13.07 -11.10 4.35
CA ARG B 211 -13.07 -12.41 3.68
C ARG B 211 -14.30 -12.56 2.80
N LEU B 212 -15.30 -11.73 3.08
CA LEU B 212 -16.53 -11.71 2.32
C LEU B 212 -16.32 -11.11 0.93
N GLY B 213 -15.32 -10.24 0.81
CA GLY B 213 -15.01 -9.66 -0.49
C GLY B 213 -14.37 -8.30 -0.33
N CYS B 214 -14.08 -7.66 -1.46
CA CYS B 214 -13.30 -6.44 -1.43
C CYS B 214 -14.19 -5.25 -1.11
N ASN B 215 -15.20 -5.01 -1.93
CA ASN B 215 -16.06 -3.84 -1.74
C ASN B 215 -17.29 -4.34 -0.99
N VAL B 216 -17.23 -4.33 0.33
CA VAL B 216 -18.33 -4.79 1.19
C VAL B 216 -18.75 -3.62 2.06
N THR B 217 -20.05 -3.33 2.11
CA THR B 217 -20.56 -2.22 2.92
C THR B 217 -20.20 -2.40 4.37
N ARG B 218 -19.64 -1.34 4.96
CA ARG B 218 -19.23 -1.33 6.37
C ARG B 218 -18.07 -2.25 6.66
N LYS B 219 -17.37 -2.70 5.61
CA LYS B 219 -16.04 -3.30 5.75
C LYS B 219 -15.04 -2.46 4.98
N PRO B 220 -14.72 -1.25 5.49
CA PRO B 220 -13.70 -0.42 4.80
C PRO B 220 -12.39 -1.17 4.62
N THR B 221 -11.64 -0.82 3.57
CA THR B 221 -10.30 -1.36 3.44
C THR B 221 -9.49 -0.92 4.68
N VAL B 222 -8.64 -1.83 5.18
CA VAL B 222 -7.81 -1.50 6.37
C VAL B 222 -6.33 -1.41 5.98
N PHE B 223 -5.67 -0.43 6.57
CA PHE B 223 -4.30 -0.09 6.24
C PHE B 223 -3.49 -0.01 7.51
N THR B 224 -2.20 -0.32 7.42
CA THR B 224 -1.30 -0.07 8.56
C THR B 224 -1.15 1.44 8.65
N ARG B 225 -1.31 1.98 9.87
CA ARG B 225 -1.23 3.43 10.03
C ARG B 225 0.22 3.83 10.02
N VAL B 226 0.62 4.47 8.93
CA VAL B 226 2.01 4.87 8.78
C VAL B 226 2.55 5.73 9.97
N SER B 227 1.75 6.67 10.47
CA SER B 227 2.20 7.55 11.54
C SER B 227 2.41 6.86 12.86
N ALA B 228 1.97 5.60 13.00
CA ALA B 228 2.34 4.81 14.22
C ALA B 228 3.74 4.18 14.14
N TYR B 229 4.32 4.20 12.94
CA TYR B 229 5.57 3.46 12.63
C TYR B 229 6.78 4.33 12.25
N ILE B 230 6.65 5.65 12.44
CA ILE B 230 7.74 6.58 12.02
C ILE B 230 9.09 6.29 12.69
N SER B 231 9.10 6.16 14.01
CA SER B 231 10.33 5.75 14.73
C SER B 231 10.87 4.41 14.25
N TRP B 232 9.99 3.44 14.08
CA TRP B 232 10.45 2.14 13.57
C TRP B 232 11.16 2.30 12.20
N ILE B 233 10.51 3.02 11.29
CA ILE B 233 11.02 3.24 9.91
C ILE B 233 12.37 3.93 10.02
N ASN B 234 12.42 5.06 10.74
CA ASN B 234 13.74 5.74 10.91
C ASN B 234 14.83 4.84 11.48
N ASN B 235 14.45 4.03 12.47
CA ASN B 235 15.42 3.17 13.17
C ASN B 235 16.01 2.17 12.19
N VAL B 236 15.15 1.61 11.34
CA VAL B 236 15.60 0.64 10.35
C VAL B 236 16.54 1.28 9.35
N ILE B 237 16.11 2.42 8.83
CA ILE B 237 16.84 3.06 7.75
C ILE B 237 18.23 3.53 8.26
N ALA B 238 18.26 4.10 9.48
CA ALA B 238 19.50 4.44 10.23
C ALA B 238 20.47 3.29 10.51
N SER B 239 20.00 2.05 10.50
CA SER B 239 20.89 0.95 10.91
C SER B 239 21.09 -0.13 9.85
N ASN B 240 20.54 0.12 8.65
CA ASN B 240 20.76 -0.73 7.47
C ASN B 240 21.21 0.08 6.27
CA CA C . 5.10 -0.64 -18.13
S SO4 D . 0.87 6.67 17.91
O1 SO4 D . 0.01 5.54 18.11
O2 SO4 D . 0.36 7.79 18.71
O3 SO4 D . 1.03 7.08 16.51
O4 SO4 D . 2.19 6.30 18.41
#